data_4BGX
#
_entry.id   4BGX
#
_cell.length_a   101.338
_cell.length_b   101.338
_cell.length_c   451.102
_cell.angle_alpha   90.00
_cell.angle_beta   90.00
_cell.angle_gamma   120.00
#
_symmetry.space_group_name_H-M   'H 3 2'
#
loop_
_entity.id
_entity.type
_entity.pdbx_description
1 polymer HEMAGGLUTININ
2 polymer HEMAGGLUTININ
3 branched 'N-acetyl-alpha-neuraminic acid-(2-6)-beta-D-galactopyranose'
4 non-polymer 2-acetamido-2-deoxy-beta-D-glucopyranose
5 non-polymer '4-(2-HYDROXYETHYL)-1-PIPERAZINE ETHANESULFONIC ACID'
6 water water
#
loop_
_entity_poly.entity_id
_entity_poly.type
_entity_poly.pdbx_seq_one_letter_code
_entity_poly.pdbx_strand_id
1 'polypeptide(L)'
;DQICIGYHANNSTEQVDTIMEKNVTVTHAQDILEKTHNGKLCDLDGVKPLILRDCSVAGWLLGNPMCDEFINVPEWSYIV
EKANPVNDLCYPGDFNDYEELKHLLSRINHFEKIQIIPKSSWSSHEASLGVSSACPYQGKSSFFRNVVWLIKKNSTYPTI
KRSYNNTNQEDLLVLWGIHHPNDAAEQTKLYQNPTTYISVGTSTLNQRLVPRIATRSKVNGQSGRMEFFWTILKPNDAIN
FESNGNFIAPEYAYKIVKKGDSTIMKSELEYGNCNTKCQTPMGAINSSMPFHNIHPLTIGECPKYVKSNRLVLATGLRNS
PQRETR
;
A
2 'polypeptide(L)'
;GLFGAIAGFIEGGWQGMVDGWYGYHHSNEQGSGYAADKESTQKAIDGVTNKVNSIIDKMNTQFEAVGREFNNLERRIENL
NKKMEDGFLDVWTYNAELLVLMENERTLDFHDSNVKNLYDKVRLQLRDNAKELGNGCFEFYHKCDNECMESVRNGTYDYP
QYSEEA
;
B
#
loop_
_chem_comp.id
_chem_comp.type
_chem_comp.name
_chem_comp.formula
EPE non-polymer '4-(2-HYDROXYETHYL)-1-PIPERAZINE ETHANESULFONIC ACID' 'C8 H18 N2 O4 S'
GAL D-saccharide, beta linking beta-D-galactopyranose 'C6 H12 O6'
NAG D-saccharide, beta linking 2-acetamido-2-deoxy-beta-D-glucopyranose 'C8 H15 N O6'
SIA D-saccharide, alpha linking 'N-acetyl-alpha-neuraminic acid' 'C11 H19 N O9'
#
# COMPACT_ATOMS: atom_id res chain seq x y z
N ASP A 1 27.61 -23.51 52.18
CA ASP A 1 26.45 -23.80 51.30
C ASP A 1 25.69 -22.50 51.03
N GLN A 2 25.23 -22.33 49.78
CA GLN A 2 24.53 -21.14 49.36
C GLN A 2 23.54 -21.36 48.24
N ILE A 3 22.56 -20.46 48.18
CA ILE A 3 21.64 -20.40 47.07
C ILE A 3 21.61 -18.97 46.57
N CYS A 4 21.63 -18.81 45.24
CA CYS A 4 21.69 -17.48 44.63
C CYS A 4 20.52 -17.27 43.72
N ILE A 5 20.08 -16.02 43.59
CA ILE A 5 19.07 -15.68 42.62
C ILE A 5 19.75 -14.97 41.45
N GLY A 6 19.35 -15.34 40.23
CA GLY A 6 19.99 -14.78 39.06
C GLY A 6 19.14 -14.84 37.83
N TYR A 7 19.73 -14.42 36.72
CA TYR A 7 18.98 -14.29 35.50
C TYR A 7 19.77 -14.80 34.32
N HIS A 8 19.06 -15.03 33.23
CA HIS A 8 19.58 -15.59 31.99
C HIS A 8 20.54 -14.66 31.27
N ALA A 9 21.54 -15.26 30.65
CA ALA A 9 22.39 -14.55 29.70
C ALA A 9 22.63 -15.48 28.52
N ASN A 10 23.07 -14.94 27.40
CA ASN A 10 23.32 -15.76 26.24
C ASN A 10 24.26 -15.06 25.28
N ASN A 11 24.44 -15.61 24.09
CA ASN A 11 25.42 -15.09 23.14
C ASN A 11 24.83 -14.02 22.19
N SER A 12 23.62 -13.53 22.51
CA SER A 12 22.90 -12.60 21.64
C SER A 12 23.61 -11.25 21.55
N THR A 13 23.60 -10.68 20.34
CA THR A 13 24.07 -9.33 20.09
C THR A 13 22.95 -8.46 19.54
N GLU A 14 21.70 -8.92 19.59
CA GLU A 14 20.56 -8.08 19.24
C GLU A 14 20.51 -6.87 20.18
N GLN A 15 20.16 -5.70 19.65
CA GLN A 15 20.13 -4.47 20.42
C GLN A 15 18.79 -3.77 20.26
N VAL A 16 18.36 -3.03 21.28
CA VAL A 16 17.13 -2.26 21.21
C VAL A 16 17.41 -0.87 21.73
N ASP A 17 16.57 0.09 21.34
CA ASP A 17 16.65 1.45 21.88
C ASP A 17 15.57 1.69 22.92
N THR A 18 15.90 2.51 23.91
CA THR A 18 14.95 3.05 24.89
C THR A 18 15.09 4.58 24.89
N ILE A 19 14.26 5.27 25.64
CA ILE A 19 14.32 6.76 25.72
C ILE A 19 15.67 7.24 26.29
N MET A 20 16.14 6.55 27.33
CA MET A 20 17.31 6.96 28.10
C MET A 20 18.63 6.34 27.64
N GLU A 21 18.55 5.33 26.78
CA GLU A 21 19.70 4.55 26.38
C GLU A 21 19.47 3.90 25.02
N LYS A 22 20.45 4.03 24.14
CA LYS A 22 20.40 3.45 22.81
C LYS A 22 21.35 2.25 22.74
N ASN A 23 21.04 1.33 21.83
CA ASN A 23 21.89 0.17 21.59
C ASN A 23 22.13 -0.73 22.80
N VAL A 24 21.08 -1.04 23.53
CA VAL A 24 21.13 -1.95 24.67
C VAL A 24 21.08 -3.40 24.19
N THR A 25 22.10 -4.20 24.48
CA THR A 25 22.10 -5.60 24.05
C THR A 25 21.14 -6.40 24.89
N VAL A 26 20.32 -7.21 24.24
CA VAL A 26 19.30 -7.97 24.93
C VAL A 26 19.38 -9.42 24.50
N THR A 27 18.84 -10.30 25.35
CA THR A 27 18.94 -11.73 25.16
C THR A 27 18.00 -12.19 24.08
N HIS A 28 16.89 -11.50 23.95
CA HIS A 28 15.89 -11.79 22.92
C HIS A 28 15.17 -10.54 22.48
N ALA A 29 14.81 -10.50 21.20
CA ALA A 29 14.18 -9.34 20.60
C ALA A 29 13.33 -9.80 19.43
N GLN A 30 12.48 -8.90 18.96
CA GLN A 30 11.59 -9.22 17.86
C GLN A 30 11.49 -8.03 16.90
N ASP A 31 12.08 -8.19 15.73
CA ASP A 31 11.91 -7.24 14.64
C ASP A 31 10.44 -7.24 14.20
N ILE A 32 9.87 -6.05 14.01
CA ILE A 32 8.47 -5.91 13.56
C ILE A 32 8.31 -5.09 12.27
N LEU A 33 9.43 -4.73 11.64
CA LEU A 33 9.44 -3.94 10.42
C LEU A 33 9.98 -4.74 9.25
N GLU A 34 9.16 -4.90 8.22
CA GLU A 34 9.59 -5.55 6.99
C GLU A 34 10.34 -4.55 6.14
N LYS A 35 11.58 -4.87 5.78
CA LYS A 35 12.42 -3.96 4.97
C LYS A 35 12.64 -4.44 3.52
N THR A 36 12.30 -5.68 3.22
CA THR A 36 12.58 -6.24 1.89
C THR A 36 11.33 -6.44 1.05
N HIS A 37 11.53 -6.33 -0.27
CA HIS A 37 10.53 -6.63 -1.28
C HIS A 37 11.23 -7.42 -2.41
N ASN A 38 10.46 -8.01 -3.34
CA ASN A 38 11.06 -8.83 -4.40
C ASN A 38 11.40 -8.04 -5.69
N GLY A 39 11.05 -6.76 -5.72
CA GLY A 39 11.47 -5.86 -6.81
C GLY A 39 10.68 -6.00 -8.09
N LYS A 40 9.50 -6.65 -8.00
CA LYS A 40 8.70 -7.02 -9.15
C LYS A 40 7.24 -6.64 -9.04
N LEU A 41 6.60 -6.47 -10.17
CA LEU A 41 5.14 -6.36 -10.24
C LEU A 41 4.54 -7.75 -10.44
N CYS A 42 3.53 -8.10 -9.64
CA CYS A 42 3.05 -9.48 -9.60
C CYS A 42 1.55 -9.57 -9.61
N ASP A 43 1.06 -10.78 -9.86
CA ASP A 43 -0.37 -11.05 -9.73
C ASP A 43 -0.74 -10.81 -8.27
N LEU A 44 -1.90 -10.24 -8.05
CA LEU A 44 -2.44 -10.05 -6.72
C LEU A 44 -3.46 -11.16 -6.49
N ASP A 45 -3.12 -12.11 -5.61
CA ASP A 45 -4.00 -13.26 -5.36
C ASP A 45 -4.39 -13.95 -6.64
N GLY A 46 -3.40 -14.21 -7.49
CA GLY A 46 -3.58 -14.93 -8.74
C GLY A 46 -4.15 -14.12 -9.89
N VAL A 47 -4.72 -12.94 -9.59
CA VAL A 47 -5.35 -12.08 -10.60
C VAL A 47 -4.37 -11.03 -11.10
N LYS A 48 -3.98 -11.16 -12.37
CA LYS A 48 -2.96 -10.30 -12.99
C LYS A 48 -3.37 -8.83 -13.06
N PRO A 49 -2.39 -7.91 -12.95
CA PRO A 49 -2.67 -6.50 -13.16
C PRO A 49 -2.71 -6.16 -14.63
N LEU A 50 -3.38 -5.06 -14.97
CA LEU A 50 -3.31 -4.49 -16.30
C LEU A 50 -2.05 -3.65 -16.40
N ILE A 51 -1.04 -4.15 -17.11
CA ILE A 51 0.18 -3.38 -17.29
C ILE A 51 0.11 -2.68 -18.64
N LEU A 52 -0.19 -1.38 -18.59
CA LEU A 52 -0.38 -0.58 -19.81
C LEU A 52 0.91 -0.32 -20.60
N ARG A 53 2.05 -0.72 -20.05
CA ARG A 53 3.33 -0.68 -20.75
C ARG A 53 3.67 0.75 -21.19
N ASP A 54 3.66 1.05 -22.49
CA ASP A 54 3.91 2.41 -22.96
C ASP A 54 2.64 3.21 -23.27
N CYS A 55 1.46 2.67 -22.94
CA CYS A 55 0.19 3.37 -23.15
C CYS A 55 -0.31 4.04 -21.87
N SER A 56 -1.09 5.10 -22.04
CA SER A 56 -1.78 5.77 -20.94
C SER A 56 -3.21 5.27 -20.86
N VAL A 57 -3.90 5.65 -19.81
CA VAL A 57 -5.32 5.29 -19.68
C VAL A 57 -6.13 5.88 -20.85
N ALA A 58 -5.73 7.08 -21.29
CA ALA A 58 -6.38 7.71 -22.42
C ALA A 58 -6.13 6.93 -23.72
N GLY A 59 -4.86 6.66 -24.02
CA GLY A 59 -4.48 5.82 -25.16
C GLY A 59 -5.27 4.52 -25.16
N TRP A 60 -5.27 3.83 -24.02
CA TRP A 60 -5.99 2.59 -23.88
C TRP A 60 -7.47 2.80 -24.23
N LEU A 61 -8.12 3.70 -23.52
CA LEU A 61 -9.59 3.81 -23.59
C LEU A 61 -10.12 4.35 -24.91
N LEU A 62 -9.44 5.38 -25.43
CA LEU A 62 -9.76 5.92 -26.76
C LEU A 62 -9.34 4.98 -27.89
N GLY A 63 -8.44 4.05 -27.59
CA GLY A 63 -7.99 3.08 -28.59
C GLY A 63 -6.95 3.67 -29.52
N ASN A 64 -5.94 4.31 -28.95
CA ASN A 64 -4.76 4.71 -29.69
C ASN A 64 -4.23 3.48 -30.42
N PRO A 65 -4.04 3.57 -31.76
CA PRO A 65 -3.71 2.38 -32.58
C PRO A 65 -2.38 1.67 -32.23
N MET A 66 -1.52 2.34 -31.46
CA MET A 66 -0.32 1.72 -30.88
C MET A 66 -0.62 0.93 -29.60
N CYS A 67 -1.89 0.89 -29.20
CA CYS A 67 -2.31 0.26 -27.94
C CYS A 67 -3.29 -0.87 -28.20
N ASP A 68 -3.06 -1.57 -29.31
CA ASP A 68 -3.89 -2.68 -29.73
C ASP A 68 -3.76 -3.86 -28.76
N GLU A 69 -2.60 -3.98 -28.09
CA GLU A 69 -2.43 -4.98 -27.03
C GLU A 69 -3.62 -4.98 -26.06
N PHE A 70 -4.15 -3.80 -25.79
CA PHE A 70 -5.22 -3.61 -24.81
C PHE A 70 -6.60 -3.44 -25.46
N ILE A 71 -6.77 -4.00 -26.65
CA ILE A 71 -8.02 -3.85 -27.39
C ILE A 71 -9.17 -4.57 -26.70
N ASN A 72 -8.88 -5.67 -26.01
CA ASN A 72 -9.85 -6.30 -25.12
C ASN A 72 -9.20 -6.95 -23.92
N VAL A 73 -9.16 -6.20 -22.81
CA VAL A 73 -8.43 -6.64 -21.63
C VAL A 73 -9.33 -7.42 -20.68
N PRO A 74 -8.81 -8.53 -20.14
CA PRO A 74 -9.59 -9.25 -19.15
C PRO A 74 -9.58 -8.54 -17.80
N GLU A 75 -10.35 -9.09 -16.86
CA GLU A 75 -10.40 -8.60 -15.51
C GLU A 75 -8.98 -8.37 -14.95
N TRP A 76 -8.80 -7.23 -14.27
CA TRP A 76 -7.50 -6.91 -13.65
C TRP A 76 -7.65 -6.75 -12.14
N SER A 77 -6.51 -6.77 -11.45
CA SER A 77 -6.45 -6.63 -9.99
C SER A 77 -6.08 -5.22 -9.62
N TYR A 78 -5.11 -4.68 -10.35
CA TYR A 78 -4.76 -3.27 -10.29
C TYR A 78 -4.20 -2.86 -11.66
N ILE A 79 -3.95 -1.58 -11.86
CA ILE A 79 -3.45 -1.09 -13.14
C ILE A 79 -2.07 -0.47 -12.96
N VAL A 80 -1.19 -0.66 -13.93
CA VAL A 80 0.14 -0.04 -13.86
C VAL A 80 0.39 0.87 -15.04
N GLU A 81 0.70 2.14 -14.74
CA GLU A 81 0.95 3.16 -15.74
C GLU A 81 2.28 3.81 -15.46
N LYS A 82 3.09 4.02 -16.48
CA LYS A 82 4.33 4.74 -16.31
C LYS A 82 4.08 6.21 -15.97
N ALA A 83 5.13 6.88 -15.51
CA ALA A 83 5.05 8.31 -15.17
C ALA A 83 4.73 9.17 -16.39
N ASN A 84 5.40 8.91 -17.52
CA ASN A 84 5.10 9.61 -18.76
C ASN A 84 4.99 8.66 -19.97
N PRO A 85 3.83 7.97 -20.10
CA PRO A 85 3.69 7.03 -21.21
C PRO A 85 3.79 7.75 -22.54
N VAL A 86 4.49 7.17 -23.51
CA VAL A 86 4.67 7.81 -24.82
C VAL A 86 3.42 7.75 -25.71
N ASN A 87 2.62 6.69 -25.57
CA ASN A 87 1.42 6.51 -26.38
C ASN A 87 0.20 6.99 -25.62
N ASP A 88 0.03 8.31 -25.63
CA ASP A 88 -1.10 8.95 -25.00
C ASP A 88 -2.04 9.39 -26.13
N LEU A 89 -2.37 10.68 -26.18
CA LEU A 89 -3.17 11.24 -27.25
C LEU A 89 -2.28 11.46 -28.47
N CYS A 90 -2.36 10.54 -29.42
CA CYS A 90 -1.51 10.57 -30.62
C CYS A 90 -1.81 11.78 -31.49
N TYR A 91 -3.09 12.07 -31.70
CA TYR A 91 -3.53 13.37 -32.19
C TYR A 91 -3.64 14.29 -30.99
N PRO A 92 -2.94 15.43 -31.01
CA PRO A 92 -2.88 16.24 -29.79
C PRO A 92 -4.23 16.78 -29.35
N GLY A 93 -4.32 17.12 -28.07
CA GLY A 93 -5.52 17.72 -27.50
C GLY A 93 -5.62 17.63 -26.00
N ASP A 94 -6.85 17.46 -25.51
CA ASP A 94 -7.12 17.25 -24.10
C ASP A 94 -8.15 16.15 -23.94
N PHE A 95 -8.22 15.65 -22.72
CA PHE A 95 -9.23 14.69 -22.33
C PHE A 95 -9.93 15.34 -21.15
N ASN A 96 -11.19 15.68 -21.35
CA ASN A 96 -11.93 16.42 -20.34
C ASN A 96 -12.25 15.55 -19.10
N ASP A 97 -12.09 16.16 -17.92
CA ASP A 97 -12.29 15.49 -16.61
C ASP A 97 -11.54 14.16 -16.54
N TYR A 98 -10.29 14.19 -17.01
CA TYR A 98 -9.48 12.98 -17.13
C TYR A 98 -9.22 12.37 -15.76
N GLU A 99 -8.85 13.20 -14.81
CA GLU A 99 -8.49 12.71 -13.48
C GLU A 99 -9.69 12.13 -12.78
N GLU A 100 -10.85 12.80 -12.91
CA GLU A 100 -12.08 12.28 -12.35
C GLU A 100 -12.43 10.92 -12.95
N LEU A 101 -12.07 10.69 -14.21
CA LEU A 101 -12.32 9.39 -14.81
C LEU A 101 -11.35 8.35 -14.26
N LYS A 102 -10.08 8.71 -14.18
CA LYS A 102 -9.10 7.82 -13.60
C LYS A 102 -9.51 7.41 -12.18
N HIS A 103 -10.08 8.33 -11.43
CA HIS A 103 -10.55 8.02 -10.09
C HIS A 103 -11.66 6.98 -10.13
N LEU A 104 -12.51 7.07 -11.14
CA LEU A 104 -13.61 6.14 -11.35
C LEU A 104 -13.10 4.70 -11.60
N LEU A 105 -11.98 4.61 -12.31
CA LEU A 105 -11.30 3.36 -12.63
C LEU A 105 -10.74 2.64 -11.43
N SER A 106 -10.46 3.37 -10.37
CA SER A 106 -9.92 2.79 -9.14
CA SER A 106 -9.90 2.76 -9.18
C SER A 106 -10.96 1.92 -8.45
N ARG A 107 -12.21 2.04 -8.89
CA ARG A 107 -13.31 1.23 -8.38
C ARG A 107 -13.81 0.25 -9.44
N ILE A 108 -13.01 0.02 -10.48
CA ILE A 108 -13.38 -0.86 -11.59
C ILE A 108 -12.30 -1.92 -11.85
N ASN A 109 -12.72 -3.19 -11.93
CA ASN A 109 -11.81 -4.30 -12.24
C ASN A 109 -11.97 -4.86 -13.64
N HIS A 110 -13.09 -4.56 -14.31
CA HIS A 110 -13.33 -5.14 -15.62
C HIS A 110 -14.24 -4.31 -16.52
N PHE A 111 -13.76 -4.11 -17.75
CA PHE A 111 -14.54 -3.47 -18.79
C PHE A 111 -14.83 -4.52 -19.84
N GLU A 112 -15.98 -4.40 -20.49
CA GLU A 112 -16.35 -5.26 -21.61
C GLU A 112 -16.75 -4.34 -22.77
N LYS A 113 -15.92 -4.30 -23.81
CA LYS A 113 -16.15 -3.38 -24.93
C LYS A 113 -17.35 -3.81 -25.76
N ILE A 114 -18.24 -2.88 -26.07
CA ILE A 114 -19.32 -3.16 -27.02
C ILE A 114 -19.57 -2.03 -28.00
N GLN A 115 -20.02 -2.42 -29.20
CA GLN A 115 -20.29 -1.49 -30.29
C GLN A 115 -21.67 -0.89 -30.10
N ILE A 116 -21.75 0.44 -30.09
CA ILE A 116 -23.04 1.13 -29.92
C ILE A 116 -23.50 1.85 -31.18
N ILE A 117 -22.56 2.44 -31.93
CA ILE A 117 -22.88 3.04 -33.24
C ILE A 117 -21.93 2.50 -34.31
N PRO A 118 -22.37 1.47 -35.07
CA PRO A 118 -21.52 0.83 -36.08
C PRO A 118 -20.94 1.83 -37.08
N LYS A 119 -19.70 1.58 -37.50
CA LYS A 119 -19.00 2.46 -38.41
C LYS A 119 -19.73 2.47 -39.76
N SER A 120 -20.16 1.29 -40.21
CA SER A 120 -20.88 1.14 -41.47
C SER A 120 -22.15 1.98 -41.54
N SER A 121 -22.81 2.21 -40.40
CA SER A 121 -24.13 2.84 -40.39
C SER A 121 -24.16 4.36 -40.71
N TRP A 122 -23.00 4.97 -40.94
CA TRP A 122 -22.94 6.39 -41.33
C TRP A 122 -23.01 6.57 -42.84
N SER A 123 -24.21 6.41 -43.41
CA SER A 123 -24.40 6.40 -44.87
C SER A 123 -24.44 7.80 -45.50
N SER A 124 -24.87 8.80 -44.73
CA SER A 124 -24.93 10.19 -45.20
C SER A 124 -23.62 10.98 -45.02
N HIS A 125 -22.61 10.34 -44.43
CA HIS A 125 -21.32 10.99 -44.17
C HIS A 125 -20.19 10.06 -44.50
N GLU A 126 -19.00 10.62 -44.68
CA GLU A 126 -17.81 9.82 -44.88
C GLU A 126 -17.25 9.46 -43.52
N ALA A 127 -17.10 8.15 -43.30
CA ALA A 127 -16.73 7.63 -41.98
C ALA A 127 -15.45 6.79 -42.01
N SER A 128 -14.75 6.79 -43.14
CA SER A 128 -13.56 5.94 -43.33
C SER A 128 -12.33 6.72 -43.79
N LEU A 129 -12.39 8.05 -43.73
CA LEU A 129 -11.26 8.89 -44.06
C LEU A 129 -10.95 9.80 -42.88
N GLY A 130 -11.25 9.34 -41.67
CA GLY A 130 -11.02 10.09 -40.45
C GLY A 130 -9.71 9.69 -39.79
N VAL A 131 -8.62 9.92 -40.51
CA VAL A 131 -7.28 9.49 -40.10
C VAL A 131 -6.28 10.64 -40.14
N SER A 132 -5.09 10.39 -39.60
CA SER A 132 -4.03 11.39 -39.52
C SER A 132 -2.65 10.75 -39.40
N SER A 133 -1.62 11.48 -39.84
CA SER A 133 -0.24 11.04 -39.73
C SER A 133 0.28 11.03 -38.28
N ALA A 134 -0.42 11.74 -37.39
CA ALA A 134 -0.07 11.73 -35.97
C ALA A 134 -0.40 10.39 -35.26
N CYS A 135 -1.38 9.66 -35.79
CA CYS A 135 -1.75 8.35 -35.25
C CYS A 135 -1.49 7.20 -36.25
N PRO A 136 -0.21 6.88 -36.49
CA PRO A 136 0.14 5.89 -37.50
C PRO A 136 -0.08 4.44 -37.07
N TYR A 137 -0.38 3.57 -38.02
CA TYR A 137 -0.48 2.13 -37.76
C TYR A 137 0.13 1.35 -38.93
N GLN A 138 1.21 0.62 -38.64
CA GLN A 138 1.90 -0.18 -39.65
C GLN A 138 2.19 0.66 -40.89
N GLY A 139 2.78 1.83 -40.66
CA GLY A 139 3.25 2.71 -41.74
C GLY A 139 2.22 3.64 -42.33
N LYS A 140 0.95 3.41 -42.00
CA LYS A 140 -0.17 4.11 -42.64
C LYS A 140 -0.90 4.94 -41.60
N SER A 141 -1.53 6.02 -42.06
CA SER A 141 -2.30 6.92 -41.20
C SER A 141 -3.55 6.22 -40.64
N SER A 142 -3.74 6.34 -39.34
CA SER A 142 -4.85 5.69 -38.66
C SER A 142 -5.46 6.67 -37.66
N PHE A 143 -6.21 6.16 -36.68
CA PHE A 143 -6.85 7.00 -35.67
C PHE A 143 -7.35 6.20 -34.47
N PHE A 144 -7.59 6.89 -33.36
CA PHE A 144 -8.24 6.30 -32.20
C PHE A 144 -9.34 5.34 -32.66
N ARG A 145 -9.19 4.05 -32.36
CA ARG A 145 -10.05 3.01 -32.91
C ARG A 145 -11.47 2.98 -32.37
N ASN A 146 -11.73 3.67 -31.27
CA ASN A 146 -13.02 3.53 -30.58
C ASN A 146 -14.02 4.62 -30.95
N VAL A 147 -13.51 5.73 -31.47
CA VAL A 147 -14.36 6.82 -31.94
C VAL A 147 -14.12 7.08 -33.43
N VAL A 148 -15.15 7.53 -34.13
CA VAL A 148 -15.14 7.66 -35.59
C VAL A 148 -15.11 9.13 -35.96
N TRP A 149 -14.06 9.57 -36.65
CA TRP A 149 -13.92 10.95 -37.10
C TRP A 149 -14.64 11.13 -38.46
N LEU A 150 -15.87 11.65 -38.38
CA LEU A 150 -16.74 11.78 -39.54
C LEU A 150 -16.42 13.06 -40.30
N ILE A 151 -16.35 12.96 -41.63
CA ILE A 151 -16.19 14.12 -42.52
C ILE A 151 -17.27 14.16 -43.61
N LYS A 152 -17.37 15.29 -44.30
CA LYS A 152 -18.39 15.51 -45.33
C LYS A 152 -18.35 14.51 -46.48
N LYS A 153 -19.53 14.24 -47.07
CA LYS A 153 -19.65 13.31 -48.20
C LYS A 153 -20.30 14.00 -49.39
N ASN A 154 -19.64 13.90 -50.55
CA ASN A 154 -20.01 14.64 -51.78
C ASN A 154 -20.25 16.14 -51.50
N SER A 155 -19.36 16.72 -50.70
CA SER A 155 -19.46 18.13 -50.28
C SER A 155 -20.77 18.43 -49.53
N THR A 156 -21.12 17.60 -48.55
CA THR A 156 -22.33 17.81 -47.77
C THR A 156 -22.18 17.13 -46.42
N TYR A 157 -22.21 17.91 -45.33
CA TYR A 157 -22.29 17.35 -43.97
C TYR A 157 -23.67 17.67 -43.45
N PRO A 158 -24.62 16.74 -43.67
CA PRO A 158 -25.97 16.97 -43.16
C PRO A 158 -26.02 16.75 -41.66
N THR A 159 -27.04 17.29 -41.02
CA THR A 159 -27.17 17.20 -39.57
C THR A 159 -27.25 15.73 -39.16
N ILE A 160 -26.48 15.38 -38.12
CA ILE A 160 -26.50 14.05 -37.51
C ILE A 160 -27.49 14.06 -36.34
N LYS A 161 -28.33 13.04 -36.24
CA LYS A 161 -29.23 12.88 -35.09
C LYS A 161 -29.24 11.42 -34.67
N ARG A 162 -28.40 11.06 -33.70
CA ARG A 162 -28.32 9.67 -33.26
C ARG A 162 -28.63 9.53 -31.80
N SER A 163 -29.15 8.36 -31.44
CA SER A 163 -29.55 8.07 -30.09
C SER A 163 -29.20 6.63 -29.76
N TYR A 164 -28.59 6.39 -28.60
CA TYR A 164 -28.38 5.03 -28.12
C TYR A 164 -28.99 4.81 -26.74
N ASN A 165 -29.81 3.76 -26.64
CA ASN A 165 -30.49 3.38 -25.41
C ASN A 165 -29.68 2.30 -24.69
N ASN A 166 -29.30 2.58 -23.45
CA ASN A 166 -28.58 1.58 -22.64
C ASN A 166 -29.52 0.53 -22.11
N THR A 167 -29.74 -0.50 -22.92
CA THR A 167 -30.66 -1.59 -22.57
C THR A 167 -29.96 -2.72 -21.79
N ASN A 168 -28.63 -2.80 -21.89
CA ASN A 168 -27.87 -3.72 -21.01
C ASN A 168 -27.93 -3.28 -19.56
N GLN A 169 -27.58 -4.19 -18.64
CA GLN A 169 -27.72 -3.96 -17.19
C GLN A 169 -26.65 -3.09 -16.56
N GLU A 170 -25.46 -3.14 -17.13
CA GLU A 170 -24.27 -2.54 -16.56
C GLU A 170 -24.05 -1.12 -17.05
N ASP A 171 -23.78 -0.20 -16.11
CA ASP A 171 -23.40 1.18 -16.45
C ASP A 171 -22.48 1.16 -17.65
N LEU A 172 -22.63 2.15 -18.52
CA LEU A 172 -21.85 2.22 -19.74
C LEU A 172 -21.02 3.51 -19.80
N LEU A 173 -19.71 3.35 -19.98
CA LEU A 173 -18.82 4.47 -20.25
C LEU A 173 -18.81 4.81 -21.73
N VAL A 174 -19.36 5.97 -22.06
CA VAL A 174 -19.42 6.43 -23.44
C VAL A 174 -18.40 7.55 -23.61
N LEU A 175 -17.56 7.43 -24.64
CA LEU A 175 -16.58 8.44 -25.01
C LEU A 175 -16.93 9.04 -26.36
N TRP A 176 -16.74 10.36 -26.50
CA TRP A 176 -16.85 11.04 -27.77
C TRP A 176 -15.93 12.24 -27.80
N GLY A 177 -15.90 12.95 -28.92
CA GLY A 177 -15.00 14.09 -29.05
C GLY A 177 -15.40 15.16 -30.05
N ILE A 178 -14.65 16.26 -30.02
CA ILE A 178 -14.84 17.40 -30.92
C ILE A 178 -13.49 17.69 -31.57
N HIS A 179 -13.51 18.08 -32.84
CA HIS A 179 -12.29 18.49 -33.54
C HIS A 179 -12.22 20.01 -33.70
N HIS A 180 -11.13 20.58 -33.19
CA HIS A 180 -10.86 22.01 -33.30
C HIS A 180 -9.88 22.22 -34.44
N PRO A 181 -10.32 22.85 -35.54
CA PRO A 181 -9.44 23.01 -36.69
C PRO A 181 -8.63 24.31 -36.65
N ASN A 182 -7.68 24.42 -37.57
CA ASN A 182 -6.75 25.56 -37.62
C ASN A 182 -7.32 26.90 -38.06
N ASP A 183 -8.11 26.89 -39.13
CA ASP A 183 -8.68 28.11 -39.72
C ASP A 183 -10.03 27.88 -40.40
N ALA A 184 -10.65 28.96 -40.86
CA ALA A 184 -11.94 28.88 -41.55
C ALA A 184 -11.89 27.96 -42.78
N ALA A 185 -10.76 27.97 -43.48
CA ALA A 185 -10.58 27.16 -44.69
C ALA A 185 -10.59 25.65 -44.40
N GLU A 186 -9.98 25.25 -43.30
CA GLU A 186 -9.96 23.84 -42.91
C GLU A 186 -11.35 23.35 -42.48
N GLN A 187 -12.09 24.20 -41.77
CA GLN A 187 -13.45 23.89 -41.35
C GLN A 187 -14.33 23.46 -42.54
N THR A 188 -14.48 24.35 -43.52
CA THR A 188 -15.32 24.04 -44.69
C THR A 188 -14.72 22.88 -45.50
N LYS A 189 -13.40 22.80 -45.56
CA LYS A 189 -12.71 21.72 -46.27
C LYS A 189 -13.08 20.32 -45.73
N LEU A 190 -13.28 20.19 -44.42
CA LEU A 190 -13.63 18.90 -43.80
C LEU A 190 -15.14 18.72 -43.57
N TYR A 191 -15.80 19.79 -43.16
CA TYR A 191 -17.19 19.72 -42.70
C TYR A 191 -18.17 20.61 -43.49
N GLN A 192 -17.67 21.39 -44.43
CA GLN A 192 -18.50 22.31 -45.23
C GLN A 192 -19.08 23.46 -44.38
N ASN A 193 -19.99 23.12 -43.47
CA ASN A 193 -20.68 24.11 -42.62
C ASN A 193 -19.67 24.91 -41.80
N PRO A 194 -19.73 26.26 -41.88
CA PRO A 194 -18.71 27.07 -41.22
C PRO A 194 -18.93 27.23 -39.71
N THR A 195 -20.18 27.33 -39.29
CA THR A 195 -20.51 27.41 -37.86
C THR A 195 -21.22 26.13 -37.44
N THR A 196 -20.57 25.34 -36.60
CA THR A 196 -21.08 24.01 -36.23
C THR A 196 -21.13 23.82 -34.73
N TYR A 197 -21.58 22.64 -34.31
CA TYR A 197 -21.76 22.32 -32.91
C TYR A 197 -21.99 20.82 -32.73
N ILE A 198 -21.81 20.34 -31.50
CA ILE A 198 -22.23 19.02 -31.12
C ILE A 198 -23.04 19.14 -29.84
N SER A 199 -24.30 18.68 -29.88
CA SER A 199 -25.13 18.68 -28.69
C SER A 199 -25.29 17.25 -28.19
N VAL A 200 -25.03 17.04 -26.91
CA VAL A 200 -25.14 15.73 -26.30
C VAL A 200 -26.08 15.83 -25.11
N GLY A 201 -27.01 14.89 -25.02
CA GLY A 201 -27.95 14.86 -23.91
C GLY A 201 -28.23 13.45 -23.40
N THR A 202 -28.37 13.33 -22.09
CA THR A 202 -28.84 12.10 -21.44
C THR A 202 -29.89 12.50 -20.41
N SER A 203 -30.24 11.54 -19.56
CA SER A 203 -31.05 11.82 -18.37
C SER A 203 -30.56 13.04 -17.61
N THR A 204 -29.23 13.19 -17.50
CA THR A 204 -28.63 14.26 -16.70
C THR A 204 -27.77 15.20 -17.52
N LEU A 205 -27.09 14.70 -18.54
CA LEU A 205 -26.18 15.51 -19.34
C LEU A 205 -26.94 16.49 -20.25
N ASN A 206 -26.43 17.72 -20.33
CA ASN A 206 -27.00 18.76 -21.17
C ASN A 206 -25.90 19.58 -21.83
N GLN A 207 -25.20 18.95 -22.77
CA GLN A 207 -24.01 19.54 -23.33
C GLN A 207 -24.26 20.16 -24.72
N ARG A 208 -23.48 21.19 -25.05
CA ARG A 208 -23.41 21.71 -26.41
C ARG A 208 -22.02 22.27 -26.66
N LEU A 209 -21.23 21.57 -27.46
CA LEU A 209 -19.87 21.96 -27.73
C LEU A 209 -19.83 22.72 -29.05
N VAL A 210 -18.98 23.73 -29.11
CA VAL A 210 -18.72 24.43 -30.36
C VAL A 210 -17.20 24.39 -30.61
N PRO A 211 -16.80 24.13 -31.86
CA PRO A 211 -15.37 24.13 -32.17
C PRO A 211 -14.74 25.51 -32.02
N ARG A 212 -13.44 25.53 -31.83
CA ARG A 212 -12.71 26.71 -31.41
C ARG A 212 -11.49 26.86 -32.29
N ILE A 213 -11.49 27.92 -33.08
CA ILE A 213 -10.40 28.23 -34.01
C ILE A 213 -9.35 29.08 -33.29
N ALA A 214 -8.09 28.68 -33.45
CA ALA A 214 -6.96 29.45 -32.95
C ALA A 214 -5.70 28.92 -33.60
N THR A 215 -4.69 29.76 -33.70
CA THR A 215 -3.43 29.37 -34.31
C THR A 215 -2.57 28.75 -33.22
N ARG A 216 -2.16 27.51 -33.44
CA ARG A 216 -1.54 26.73 -32.40
C ARG A 216 -0.23 26.14 -32.89
N SER A 217 0.74 26.05 -31.97
CA SER A 217 1.99 25.35 -32.25
C SER A 217 1.69 23.93 -32.67
N LYS A 218 2.53 23.38 -33.53
CA LYS A 218 2.38 21.98 -33.95
C LYS A 218 2.83 21.04 -32.85
N VAL A 219 2.10 19.94 -32.69
CA VAL A 219 2.43 18.90 -31.72
C VAL A 219 2.14 17.57 -32.39
N ASN A 220 3.17 16.75 -32.54
CA ASN A 220 3.10 15.54 -33.37
C ASN A 220 2.58 15.85 -34.79
N GLY A 221 3.08 16.95 -35.36
CA GLY A 221 2.80 17.32 -36.74
C GLY A 221 1.48 18.02 -36.99
N GLN A 222 0.70 18.24 -35.94
CA GLN A 222 -0.64 18.81 -36.10
C GLN A 222 -0.79 20.06 -35.25
N SER A 223 -1.49 21.05 -35.80
CA SER A 223 -1.88 22.25 -35.05
C SER A 223 -3.36 22.21 -34.67
N GLY A 224 -4.11 21.33 -35.32
CA GLY A 224 -5.48 21.05 -34.92
C GLY A 224 -5.51 20.24 -33.64
N ARG A 225 -6.64 20.28 -32.94
CA ARG A 225 -6.78 19.66 -31.63
C ARG A 225 -8.04 18.79 -31.55
N MET A 226 -7.98 17.76 -30.71
CA MET A 226 -9.16 16.97 -30.38
C MET A 226 -9.39 17.15 -28.90
N GLU A 227 -10.65 17.34 -28.51
CA GLU A 227 -11.01 17.44 -27.10
C GLU A 227 -12.01 16.33 -26.82
N PHE A 228 -11.66 15.41 -25.94
CA PHE A 228 -12.49 14.24 -25.71
C PHE A 228 -13.29 14.38 -24.44
N PHE A 229 -14.51 13.87 -24.48
CA PHE A 229 -15.46 13.95 -23.38
C PHE A 229 -16.03 12.58 -23.10
N TRP A 230 -16.61 12.43 -21.92
CA TRP A 230 -17.19 11.16 -21.52
C TRP A 230 -18.39 11.35 -20.62
N THR A 231 -19.17 10.28 -20.49
CA THR A 231 -20.19 10.21 -19.46
C THR A 231 -20.41 8.75 -19.08
N ILE A 232 -21.16 8.55 -18.01
CA ILE A 232 -21.62 7.23 -17.60
C ILE A 232 -23.11 7.21 -17.87
N LEU A 233 -23.52 6.40 -18.83
CA LEU A 233 -24.93 6.28 -19.17
C LEU A 233 -25.53 5.20 -18.27
N LYS A 234 -26.49 5.58 -17.43
CA LYS A 234 -27.14 4.61 -16.52
C LYS A 234 -27.90 3.54 -17.33
N PRO A 235 -28.45 2.50 -16.66
CA PRO A 235 -29.26 1.56 -17.45
C PRO A 235 -30.60 2.16 -17.79
N ASN A 236 -31.22 1.70 -18.88
CA ASN A 236 -32.48 2.26 -19.37
C ASN A 236 -32.40 3.73 -19.79
N ASP A 237 -31.22 4.33 -19.79
CA ASP A 237 -31.11 5.71 -20.20
C ASP A 237 -30.61 5.78 -21.63
N ALA A 238 -30.88 6.91 -22.27
CA ALA A 238 -30.57 7.10 -23.68
C ALA A 238 -29.60 8.25 -23.81
N ILE A 239 -28.58 8.09 -24.65
CA ILE A 239 -27.73 9.21 -25.03
C ILE A 239 -28.13 9.71 -26.43
N ASN A 240 -28.15 11.03 -26.60
CA ASN A 240 -28.65 11.68 -27.81
C ASN A 240 -27.62 12.62 -28.38
N PHE A 241 -27.20 12.38 -29.62
CA PHE A 241 -26.26 13.25 -30.30
C PHE A 241 -26.96 14.04 -31.39
N GLU A 242 -26.51 15.28 -31.58
CA GLU A 242 -26.86 16.07 -32.74
C GLU A 242 -25.64 16.91 -33.11
N SER A 243 -25.23 16.87 -34.37
CA SER A 243 -24.09 17.67 -34.80
C SER A 243 -24.17 18.22 -36.21
N ASN A 244 -23.33 19.22 -36.46
CA ASN A 244 -23.19 19.92 -37.73
C ASN A 244 -21.87 19.65 -38.46
N GLY A 245 -20.95 18.99 -37.76
CA GLY A 245 -19.57 18.87 -38.16
C GLY A 245 -18.68 18.84 -36.92
N ASN A 246 -17.44 18.41 -37.09
CA ASN A 246 -16.42 18.41 -36.02
C ASN A 246 -16.67 17.34 -34.97
N PHE A 247 -17.57 16.42 -35.26
CA PHE A 247 -18.01 15.41 -34.30
C PHE A 247 -17.15 14.16 -34.43
N ILE A 248 -16.64 13.70 -33.31
CA ILE A 248 -15.92 12.44 -33.27
C ILE A 248 -16.88 11.49 -32.58
N ALA A 249 -17.53 10.66 -33.38
CA ALA A 249 -18.66 9.89 -32.88
C ALA A 249 -18.21 8.61 -32.19
N PRO A 250 -18.94 8.18 -31.15
CA PRO A 250 -18.61 6.88 -30.57
C PRO A 250 -18.85 5.75 -31.57
N GLU A 251 -17.96 4.77 -31.60
CA GLU A 251 -18.27 3.47 -32.19
C GLU A 251 -18.44 2.44 -31.08
N TYR A 252 -17.40 2.37 -30.23
CA TYR A 252 -17.38 1.46 -29.10
C TYR A 252 -17.44 2.21 -27.77
N ALA A 253 -18.20 1.65 -26.84
CA ALA A 253 -18.24 2.12 -25.47
C ALA A 253 -17.95 0.92 -24.55
N TYR A 254 -17.57 1.19 -23.31
CA TYR A 254 -17.17 0.13 -22.39
C TYR A 254 -18.25 -0.18 -21.37
N LYS A 255 -18.57 -1.47 -21.24
CA LYS A 255 -19.54 -1.92 -20.26
C LYS A 255 -18.79 -2.15 -18.96
N ILE A 256 -19.36 -1.67 -17.86
CA ILE A 256 -18.76 -1.82 -16.54
C ILE A 256 -19.32 -3.06 -15.85
N VAL A 257 -18.65 -4.20 -16.03
CA VAL A 257 -19.18 -5.46 -15.55
C VAL A 257 -18.83 -5.73 -14.09
N LYS A 258 -17.59 -5.43 -13.71
CA LYS A 258 -17.14 -5.67 -12.34
C LYS A 258 -16.63 -4.40 -11.67
N LYS A 259 -17.31 -4.02 -10.58
CA LYS A 259 -16.86 -2.94 -9.72
C LYS A 259 -16.19 -3.51 -8.48
N GLY A 260 -15.06 -2.94 -8.07
CA GLY A 260 -14.41 -3.37 -6.83
C GLY A 260 -13.13 -2.63 -6.50
N ASP A 261 -12.36 -3.19 -5.57
CA ASP A 261 -11.10 -2.59 -5.15
C ASP A 261 -10.07 -2.70 -6.26
N SER A 262 -9.54 -1.56 -6.65
CA SER A 262 -8.48 -1.50 -7.66
C SER A 262 -7.69 -0.23 -7.40
N THR A 263 -6.66 0.00 -8.21
CA THR A 263 -5.81 1.17 -8.05
C THR A 263 -4.98 1.35 -9.31
N ILE A 264 -4.70 2.60 -9.65
CA ILE A 264 -3.76 2.93 -10.70
C ILE A 264 -2.44 3.22 -10.03
N MET A 265 -1.48 2.35 -10.29
CA MET A 265 -0.20 2.40 -9.64
C MET A 265 0.80 2.96 -10.65
N LYS A 266 1.62 3.91 -10.22
CA LYS A 266 2.58 4.55 -11.11
C LYS A 266 3.94 3.91 -10.87
N SER A 267 4.48 3.31 -11.94
CA SER A 267 5.71 2.54 -11.88
C SER A 267 6.29 2.34 -13.27
N GLU A 268 7.62 2.25 -13.34
CA GLU A 268 8.30 1.96 -14.59
C GLU A 268 8.50 0.46 -14.81
N LEU A 269 8.24 -0.34 -13.79
CA LEU A 269 8.55 -1.77 -13.83
C LEU A 269 7.59 -2.52 -14.73
N GLU A 270 8.08 -3.61 -15.32
CA GLU A 270 7.26 -4.52 -16.13
C GLU A 270 6.74 -5.69 -15.28
N TYR A 271 6.07 -6.65 -15.91
CA TYR A 271 5.51 -7.81 -15.22
C TYR A 271 6.62 -8.75 -14.76
N GLY A 272 6.50 -9.28 -13.55
CA GLY A 272 7.53 -10.13 -12.96
C GLY A 272 7.33 -11.64 -13.08
N ASN A 273 6.17 -12.08 -13.60
CA ASN A 273 5.80 -13.51 -13.65
C ASN A 273 5.80 -14.09 -12.25
N CYS A 274 4.71 -13.87 -11.53
CA CYS A 274 4.84 -13.53 -10.13
C CYS A 274 3.50 -13.53 -9.41
N ASN A 275 3.47 -13.87 -8.14
CA ASN A 275 2.23 -13.79 -7.34
C ASN A 275 2.48 -13.33 -5.92
N THR A 276 1.60 -12.49 -5.39
CA THR A 276 1.78 -11.88 -4.07
C THR A 276 0.42 -11.62 -3.44
N LYS A 277 0.40 -11.27 -2.16
CA LYS A 277 -0.82 -10.83 -1.49
C LYS A 277 -0.78 -9.33 -1.19
N CYS A 278 0.35 -8.70 -1.48
CA CYS A 278 0.55 -7.30 -1.17
C CYS A 278 1.52 -6.72 -2.18
N GLN A 279 1.07 -5.72 -2.94
CA GLN A 279 1.92 -5.17 -3.98
C GLN A 279 2.20 -3.71 -3.76
N THR A 280 3.44 -3.31 -4.08
CA THR A 280 3.83 -1.91 -4.11
C THR A 280 4.42 -1.55 -5.48
N PRO A 281 4.50 -0.25 -5.78
CA PRO A 281 5.11 0.22 -7.04
C PRO A 281 6.58 -0.14 -7.22
N MET A 282 7.25 -0.54 -6.14
CA MET A 282 8.65 -0.96 -6.21
C MET A 282 8.84 -2.46 -6.18
N GLY A 283 7.81 -3.20 -5.77
CA GLY A 283 7.90 -4.64 -5.66
C GLY A 283 6.86 -5.20 -4.72
N ALA A 284 6.76 -6.53 -4.68
CA ALA A 284 5.76 -7.18 -3.85
C ALA A 284 6.34 -7.50 -2.48
N ILE A 285 5.43 -7.73 -1.53
CA ILE A 285 5.78 -7.96 -0.14
C ILE A 285 5.22 -9.30 0.32
N ASN A 286 6.06 -10.10 0.98
CA ASN A 286 5.62 -11.32 1.64
C ASN A 286 6.19 -11.39 3.03
N SER A 287 5.40 -10.98 4.02
CA SER A 287 5.83 -11.10 5.41
C SER A 287 4.68 -11.05 6.38
N SER A 288 4.95 -11.48 7.61
CA SER A 288 3.98 -11.41 8.70
C SER A 288 4.25 -10.23 9.64
N MET A 289 5.26 -9.43 9.33
CA MET A 289 5.56 -8.25 10.13
C MET A 289 4.34 -7.32 10.12
N PRO A 290 4.05 -6.69 11.26
CA PRO A 290 2.94 -5.74 11.26
C PRO A 290 3.25 -4.43 10.54
N PHE A 291 4.52 -4.16 10.23
CA PHE A 291 4.92 -2.91 9.62
C PHE A 291 5.87 -3.16 8.47
N HIS A 292 5.95 -2.20 7.55
CA HIS A 292 7.02 -2.17 6.55
C HIS A 292 7.38 -0.73 6.19
N ASN A 293 8.48 -0.56 5.46
CA ASN A 293 8.90 0.77 5.02
C ASN A 293 9.22 0.89 3.52
N ILE A 294 8.59 0.04 2.71
CA ILE A 294 8.86 -0.02 1.27
C ILE A 294 8.28 1.17 0.49
N HIS A 295 6.97 1.34 0.55
CA HIS A 295 6.27 2.42 -0.17
C HIS A 295 4.87 2.60 0.44
N PRO A 296 4.39 3.85 0.55
CA PRO A 296 3.06 4.06 1.15
C PRO A 296 1.89 3.56 0.33
N LEU A 297 2.01 3.60 -1.00
CA LEU A 297 0.91 3.20 -1.89
C LEU A 297 0.89 1.71 -2.19
N THR A 298 0.20 0.94 -1.35
CA THR A 298 0.15 -0.50 -1.53
C THR A 298 -1.27 -0.94 -1.85
N ILE A 299 -1.38 -2.17 -2.34
CA ILE A 299 -2.67 -2.78 -2.64
C ILE A 299 -2.58 -4.19 -2.11
N GLY A 300 -3.66 -4.66 -1.47
CA GLY A 300 -3.75 -6.03 -0.95
C GLY A 300 -3.76 -6.11 0.58
N GLU A 301 -3.33 -7.26 1.10
CA GLU A 301 -3.32 -7.49 2.54
C GLU A 301 -1.93 -7.16 3.02
N CYS A 302 -1.76 -5.95 3.53
CA CYS A 302 -0.43 -5.41 3.75
C CYS A 302 -0.13 -5.04 5.20
N PRO A 303 1.16 -5.08 5.57
CA PRO A 303 1.57 -4.43 6.79
C PRO A 303 1.36 -2.92 6.67
N LYS A 304 1.36 -2.22 7.81
CA LYS A 304 1.19 -0.78 7.82
C LYS A 304 2.50 -0.10 7.48
N TYR A 305 2.42 0.94 6.68
CA TYR A 305 3.61 1.62 6.23
C TYR A 305 4.06 2.65 7.26
N VAL A 306 5.35 2.62 7.58
CA VAL A 306 5.97 3.66 8.39
C VAL A 306 7.26 4.08 7.70
N LYS A 307 7.69 5.30 7.98
CA LYS A 307 8.97 5.83 7.50
C LYS A 307 10.21 5.40 8.32
N SER A 308 10.11 4.40 9.19
CA SER A 308 11.26 4.01 10.01
C SER A 308 12.27 3.20 9.24
N ASN A 309 13.53 3.36 9.64
CA ASN A 309 14.60 2.45 9.23
C ASN A 309 14.67 1.19 10.09
N ARG A 310 14.12 1.25 11.30
CA ARG A 310 14.31 0.17 12.28
C ARG A 310 13.24 0.20 13.38
N LEU A 311 12.54 -0.91 13.56
CA LEU A 311 11.65 -1.09 14.71
C LEU A 311 11.88 -2.48 15.31
N VAL A 312 12.48 -2.52 16.50
CA VAL A 312 12.79 -3.76 17.19
C VAL A 312 12.37 -3.66 18.66
N LEU A 313 11.49 -4.58 19.06
CA LEU A 313 10.98 -4.67 20.43
C LEU A 313 11.81 -5.62 21.27
N ALA A 314 12.19 -5.16 22.47
CA ALA A 314 12.74 -6.05 23.50
C ALA A 314 11.69 -7.04 23.91
N THR A 315 12.09 -8.32 23.97
CA THR A 315 11.29 -9.38 24.59
C THR A 315 12.05 -9.89 25.81
N GLY A 316 13.32 -10.18 25.63
CA GLY A 316 14.14 -10.62 26.72
C GLY A 316 14.70 -9.48 27.54
N LEU A 317 15.81 -9.75 28.20
CA LEU A 317 16.32 -8.83 29.19
C LEU A 317 17.73 -8.41 28.82
N ARG A 318 18.23 -7.43 29.57
CA ARG A 318 19.54 -6.85 29.33
C ARG A 318 20.59 -7.92 29.39
N ASN A 319 21.27 -8.13 28.27
CA ASN A 319 22.26 -9.19 28.17
C ASN A 319 23.62 -8.76 28.69
N SER A 320 24.26 -9.65 29.42
CA SER A 320 25.50 -9.38 30.11
C SER A 320 26.75 -9.58 29.21
N PRO A 321 27.83 -8.81 29.45
CA PRO A 321 29.04 -8.93 28.65
C PRO A 321 30.06 -9.91 29.25
N GLY B 1 19.05 -0.49 36.28
CA GLY B 1 17.59 -0.44 36.10
C GLY B 1 16.83 0.04 37.32
N LEU B 2 15.55 0.36 37.13
CA LEU B 2 14.80 1.00 38.19
C LEU B 2 14.75 0.14 39.46
N PHE B 3 14.79 -1.19 39.31
CA PHE B 3 14.61 -2.09 40.46
C PHE B 3 15.89 -2.61 41.07
N GLY B 4 17.04 -2.20 40.53
CA GLY B 4 18.32 -2.42 41.15
C GLY B 4 18.93 -3.82 41.08
N ALA B 5 18.20 -4.79 40.51
CA ALA B 5 18.63 -6.19 40.53
C ALA B 5 19.52 -6.49 39.34
N ILE B 6 18.94 -6.46 38.15
CA ILE B 6 19.69 -6.75 36.92
C ILE B 6 20.81 -5.76 36.70
N ALA B 7 22.04 -6.26 36.56
CA ALA B 7 23.21 -5.40 36.36
C ALA B 7 23.29 -4.38 37.47
N GLY B 8 22.89 -4.79 38.67
CA GLY B 8 22.90 -3.94 39.85
C GLY B 8 23.56 -4.74 40.98
N PHE B 9 22.79 -5.18 41.96
CA PHE B 9 23.38 -5.96 43.04
C PHE B 9 23.62 -7.38 42.56
N ILE B 10 22.87 -7.81 41.55
CA ILE B 10 23.22 -9.01 40.83
C ILE B 10 24.01 -8.58 39.60
N GLU B 11 25.32 -8.77 39.69
CA GLU B 11 26.29 -8.15 38.76
C GLU B 11 26.06 -8.50 37.30
N GLY B 12 25.78 -9.77 37.03
CA GLY B 12 25.61 -10.26 35.66
C GLY B 12 24.74 -11.50 35.57
N GLY B 13 24.36 -11.84 34.34
CA GLY B 13 23.48 -12.99 34.10
C GLY B 13 24.24 -14.31 34.03
N TRP B 14 23.52 -15.39 33.78
CA TRP B 14 24.08 -16.74 33.80
C TRP B 14 23.93 -17.42 32.45
N GLN B 15 25.04 -17.51 31.72
CA GLN B 15 25.08 -18.32 30.49
C GLN B 15 24.65 -19.76 30.78
N GLY B 16 24.92 -20.23 31.99
CA GLY B 16 24.59 -21.60 32.39
C GLY B 16 23.14 -21.90 32.70
N MET B 17 22.32 -20.87 32.93
CA MET B 17 20.89 -21.09 33.14
C MET B 17 20.15 -20.95 31.82
N VAL B 18 19.74 -22.08 31.28
CA VAL B 18 19.36 -22.17 29.88
C VAL B 18 17.86 -22.30 29.67
N ASP B 19 17.15 -22.74 30.68
CA ASP B 19 15.75 -23.11 30.52
C ASP B 19 14.81 -22.15 31.25
N GLY B 20 15.26 -20.95 31.54
CA GLY B 20 14.31 -19.96 32.01
C GLY B 20 14.93 -18.59 32.08
N TRP B 21 14.10 -17.57 32.32
CA TRP B 21 14.63 -16.22 32.39
C TRP B 21 15.23 -15.91 33.74
N TYR B 22 14.66 -16.52 34.77
CA TYR B 22 15.10 -16.29 36.13
C TYR B 22 15.10 -17.58 36.87
N GLY B 23 16.01 -17.70 37.82
CA GLY B 23 16.03 -18.88 38.67
C GLY B 23 17.12 -18.82 39.70
N TYR B 24 17.56 -20.00 40.12
CA TYR B 24 18.46 -20.17 41.27
C TYR B 24 19.73 -20.90 40.89
N HIS B 25 20.80 -20.63 41.62
CA HIS B 25 21.99 -21.44 41.55
C HIS B 25 22.35 -21.89 42.94
N HIS B 26 22.62 -23.18 43.12
CA HIS B 26 22.95 -23.71 44.46
C HIS B 26 24.34 -24.31 44.51
N SER B 27 24.94 -24.30 45.69
CA SER B 27 26.28 -24.86 45.96
C SER B 27 26.27 -25.53 47.33
N ASN B 28 26.53 -26.82 47.38
CA ASN B 28 26.63 -27.52 48.64
C ASN B 28 27.59 -28.70 48.46
N GLU B 29 27.72 -29.55 49.48
CA GLU B 29 28.71 -30.60 49.41
C GLU B 29 28.39 -31.63 48.32
N GLN B 30 27.14 -31.71 47.90
CA GLN B 30 26.75 -32.69 46.88
C GLN B 30 27.00 -32.17 45.46
N GLY B 31 27.27 -30.88 45.34
CA GLY B 31 27.52 -30.30 44.03
C GLY B 31 26.92 -28.92 43.84
N SER B 32 26.60 -28.59 42.59
CA SER B 32 26.06 -27.27 42.29
C SER B 32 25.28 -27.29 41.00
N GLY B 33 24.47 -26.26 40.79
CA GLY B 33 23.79 -26.14 39.52
C GLY B 33 22.71 -25.09 39.42
N TYR B 34 22.13 -24.98 38.22
CA TYR B 34 21.14 -23.97 37.93
C TYR B 34 19.77 -24.60 37.84
N ALA B 35 18.77 -23.85 38.31
CA ALA B 35 17.39 -24.26 38.18
C ALA B 35 16.50 -23.04 37.91
N ALA B 36 15.83 -23.07 36.76
CA ALA B 36 14.87 -22.04 36.39
C ALA B 36 13.66 -22.03 37.33
N ASP B 37 13.21 -20.84 37.72
CA ASP B 37 11.94 -20.65 38.40
C ASP B 37 10.85 -20.55 37.32
N LYS B 38 10.07 -21.62 37.20
CA LYS B 38 9.07 -21.77 36.15
C LYS B 38 7.97 -20.72 36.24
N GLU B 39 7.49 -20.48 37.45
CA GLU B 39 6.35 -19.58 37.64
C GLU B 39 6.65 -18.16 37.21
N SER B 40 7.77 -17.60 37.66
CA SER B 40 8.07 -16.21 37.37
C SER B 40 8.48 -16.07 35.90
N THR B 41 9.12 -17.11 35.37
CA THR B 41 9.49 -17.13 33.95
C THR B 41 8.23 -17.08 33.10
N GLN B 42 7.27 -17.96 33.40
CA GLN B 42 6.07 -18.05 32.57
C GLN B 42 5.25 -16.76 32.68
N LYS B 43 5.21 -16.18 33.86
CA LYS B 43 4.60 -14.86 34.03
C LYS B 43 5.20 -13.80 33.12
N ALA B 44 6.52 -13.85 32.97
CA ALA B 44 7.20 -12.92 32.12
C ALA B 44 6.86 -13.19 30.69
N ILE B 45 6.83 -14.46 30.30
CA ILE B 45 6.51 -14.80 28.93
C ILE B 45 5.11 -14.35 28.56
N ASP B 46 4.13 -14.56 29.43
CA ASP B 46 2.77 -14.07 29.20
C ASP B 46 2.67 -12.56 29.08
N GLY B 47 3.43 -11.83 29.88
CA GLY B 47 3.36 -10.37 29.87
C GLY B 47 3.92 -9.77 28.60
N VAL B 48 5.13 -10.18 28.25
CA VAL B 48 5.81 -9.70 27.07
C VAL B 48 5.03 -10.09 25.81
N THR B 49 4.49 -11.31 25.79
CA THR B 49 3.69 -11.76 24.67
C THR B 49 2.42 -10.95 24.49
N ASN B 50 1.75 -10.63 25.61
CA ASN B 50 0.56 -9.78 25.54
C ASN B 50 0.92 -8.37 25.08
N LYS B 51 2.07 -7.87 25.53
CA LYS B 51 2.57 -6.55 25.13
C LYS B 51 2.76 -6.47 23.62
N VAL B 52 3.47 -7.45 23.06
CA VAL B 52 3.76 -7.43 21.65
C VAL B 52 2.43 -7.48 20.86
N ASN B 53 1.53 -8.38 21.25
CA ASN B 53 0.24 -8.48 20.57
C ASN B 53 -0.63 -7.22 20.75
N SER B 54 -0.57 -6.60 21.92
CA SER B 54 -1.23 -5.32 22.15
C SER B 54 -0.68 -4.27 21.21
N ILE B 55 0.65 -4.22 21.10
CA ILE B 55 1.30 -3.24 20.23
C ILE B 55 0.94 -3.45 18.77
N ILE B 56 1.05 -4.69 18.29
CA ILE B 56 0.69 -4.99 16.92
C ILE B 56 -0.77 -4.58 16.68
N ASP B 57 -1.65 -4.97 17.60
CA ASP B 57 -3.10 -4.80 17.41
C ASP B 57 -3.54 -3.32 17.37
N LYS B 58 -2.97 -2.51 18.26
CA LYS B 58 -3.28 -1.10 18.32
C LYS B 58 -2.93 -0.37 17.03
N MET B 59 -1.89 -0.83 16.34
CA MET B 59 -1.48 -0.25 15.07
C MET B 59 -2.28 -0.78 13.88
N ASN B 60 -3.15 -1.78 14.11
CA ASN B 60 -4.04 -2.36 13.09
C ASN B 60 -4.79 -1.32 12.26
N THR B 61 -5.61 -0.50 12.93
CA THR B 61 -6.25 0.61 12.24
C THR B 61 -5.20 1.70 12.20
N GLN B 62 -4.96 2.20 11.01
CA GLN B 62 -3.92 3.20 10.78
C GLN B 62 -4.02 3.67 9.31
N PHE B 63 -3.64 4.92 9.07
CA PHE B 63 -3.81 5.57 7.76
C PHE B 63 -3.21 4.81 6.58
N GLU B 64 -3.97 4.76 5.49
CA GLU B 64 -3.55 4.13 4.23
C GLU B 64 -3.62 5.16 3.12
N ALA B 65 -2.52 5.33 2.40
CA ALA B 65 -2.47 6.30 1.31
C ALA B 65 -3.13 5.76 0.05
N VAL B 66 -3.84 6.64 -0.66
CA VAL B 66 -4.50 6.33 -1.92
C VAL B 66 -3.97 7.25 -3.01
N GLY B 67 -3.80 6.71 -4.22
CA GLY B 67 -3.41 7.52 -5.38
C GLY B 67 -4.51 8.46 -5.86
N ARG B 68 -4.18 9.74 -6.01
CA ARG B 68 -5.11 10.74 -6.51
C ARG B 68 -4.35 11.64 -7.47
N GLU B 69 -4.93 11.89 -8.64
CA GLU B 69 -4.22 12.65 -9.65
C GLU B 69 -4.89 13.96 -9.91
N PHE B 70 -4.08 14.95 -10.26
CA PHE B 70 -4.54 16.31 -10.46
C PHE B 70 -3.89 16.93 -11.69
N ASN B 71 -4.59 17.85 -12.33
CA ASN B 71 -4.08 18.47 -13.55
C ASN B 71 -3.22 19.69 -13.21
N ASN B 72 -2.72 20.35 -14.24
CA ASN B 72 -1.75 21.45 -14.07
C ASN B 72 -2.28 22.70 -13.35
N LEU B 73 -3.60 22.90 -13.36
CA LEU B 73 -4.25 24.01 -12.66
C LEU B 73 -5.06 23.52 -11.45
N GLU B 74 -4.64 22.40 -10.88
CA GLU B 74 -5.17 21.91 -9.62
C GLU B 74 -4.03 21.72 -8.62
N ARG B 75 -3.03 22.61 -8.67
CA ARG B 75 -1.84 22.49 -7.85
C ARG B 75 -2.15 22.67 -6.38
N ARG B 76 -3.12 23.51 -6.05
CA ARG B 76 -3.39 23.77 -4.64
C ARG B 76 -3.93 22.52 -3.95
N ILE B 77 -4.98 21.91 -4.50
CA ILE B 77 -5.50 20.68 -3.95
C ILE B 77 -4.52 19.50 -4.10
N GLU B 78 -3.70 19.48 -5.13
CA GLU B 78 -2.67 18.46 -5.21
C GLU B 78 -1.73 18.57 -4.00
N ASN B 79 -1.41 19.81 -3.63
CA ASN B 79 -0.44 20.04 -2.59
C ASN B 79 -1.07 19.75 -1.23
N LEU B 80 -2.37 20.00 -1.13
CA LEU B 80 -3.14 19.71 0.05
C LEU B 80 -3.13 18.21 0.25
N ASN B 81 -3.45 17.48 -0.82
CA ASN B 81 -3.40 16.02 -0.82
C ASN B 81 -2.08 15.45 -0.35
N LYS B 82 -0.99 16.05 -0.80
CA LYS B 82 0.33 15.56 -0.49
C LYS B 82 0.61 15.81 0.98
N LYS B 83 0.33 17.03 1.43
CA LYS B 83 0.56 17.40 2.83
C LYS B 83 -0.27 16.55 3.78
N MET B 84 -1.52 16.30 3.40
CA MET B 84 -2.36 15.40 4.14
C MET B 84 -1.76 14.00 4.25
N GLU B 85 -1.38 13.39 3.13
CA GLU B 85 -0.90 12.01 3.18
C GLU B 85 0.40 11.91 3.96
N ASP B 86 1.30 12.84 3.72
CA ASP B 86 2.58 12.91 4.45
C ASP B 86 2.41 13.14 5.93
N GLY B 87 1.48 14.02 6.28
CA GLY B 87 1.22 14.37 7.65
C GLY B 87 0.80 13.17 8.46
N PHE B 88 -0.09 12.35 7.91
CA PHE B 88 -0.51 11.15 8.61
C PHE B 88 0.63 10.14 8.72
N LEU B 89 1.45 9.97 7.69
CA LEU B 89 2.65 9.12 7.81
C LEU B 89 3.56 9.55 8.93
N ASP B 90 3.78 10.85 9.05
CA ASP B 90 4.62 11.40 10.12
C ASP B 90 4.02 11.12 11.51
N VAL B 91 2.72 11.29 11.65
CA VAL B 91 2.02 10.99 12.88
C VAL B 91 2.13 9.51 13.25
N TRP B 92 1.93 8.61 12.30
CA TRP B 92 2.03 7.19 12.60
C TRP B 92 3.45 6.69 12.71
N THR B 93 4.39 7.29 11.99
CA THR B 93 5.76 6.91 12.17
C THR B 93 6.15 7.24 13.61
N TYR B 94 5.74 8.43 14.07
CA TYR B 94 6.07 8.93 15.40
C TYR B 94 5.45 8.02 16.44
N ASN B 95 4.17 7.75 16.31
CA ASN B 95 3.51 6.81 17.20
C ASN B 95 4.29 5.51 17.32
N ALA B 96 4.66 4.92 16.19
CA ALA B 96 5.32 3.61 16.23
C ALA B 96 6.71 3.70 16.90
N GLU B 97 7.52 4.68 16.53
CA GLU B 97 8.83 4.77 17.15
C GLU B 97 8.73 5.04 18.65
N LEU B 98 7.82 5.92 19.04
CA LEU B 98 7.73 6.32 20.43
C LEU B 98 7.23 5.17 21.24
N LEU B 99 6.26 4.44 20.73
CA LEU B 99 5.73 3.30 21.46
C LEU B 99 6.84 2.29 21.68
N VAL B 100 7.60 1.99 20.64
CA VAL B 100 8.64 1.00 20.77
C VAL B 100 9.69 1.44 21.81
N LEU B 101 10.13 2.70 21.78
CA LEU B 101 11.09 3.20 22.76
C LEU B 101 10.55 3.04 24.17
N MET B 102 9.35 3.57 24.41
CA MET B 102 8.75 3.56 25.72
C MET B 102 8.54 2.16 26.24
N GLU B 103 8.03 1.26 25.40
CA GLU B 103 7.70 -0.06 25.91
C GLU B 103 8.96 -0.91 26.07
N ASN B 104 9.96 -0.69 25.23
CA ASN B 104 11.22 -1.37 25.41
C ASN B 104 11.79 -1.01 26.78
N GLU B 105 11.74 0.27 27.15
CA GLU B 105 12.18 0.66 28.47
C GLU B 105 11.37 -0.06 29.54
N ARG B 106 10.07 -0.10 29.37
CA ARG B 106 9.25 -0.80 30.34
C ARG B 106 9.53 -2.30 30.40
N THR B 107 9.83 -2.92 29.27
CA THR B 107 10.12 -4.34 29.23
C THR B 107 11.39 -4.66 30.00
N LEU B 108 12.44 -3.88 29.80
CA LEU B 108 13.65 -4.09 30.54
C LEU B 108 13.44 -3.95 32.06
N ASP B 109 12.71 -2.93 32.48
CA ASP B 109 12.38 -2.76 33.88
C ASP B 109 11.49 -3.92 34.42
N PHE B 110 10.60 -4.46 33.59
CA PHE B 110 9.68 -5.54 34.02
C PHE B 110 10.52 -6.72 34.48
N HIS B 111 11.53 -7.08 33.67
CA HIS B 111 12.44 -8.15 33.97
C HIS B 111 13.22 -7.88 35.26
N ASP B 112 13.74 -6.67 35.37
CA ASP B 112 14.47 -6.26 36.53
C ASP B 112 13.59 -6.51 37.75
N SER B 113 12.34 -6.08 37.65
CA SER B 113 11.40 -6.20 38.74
C SER B 113 11.12 -7.66 39.04
N ASN B 114 10.92 -8.47 38.02
CA ASN B 114 10.71 -9.88 38.29
C ASN B 114 11.88 -10.49 39.04
N VAL B 115 13.10 -10.04 38.77
CA VAL B 115 14.26 -10.61 39.45
C VAL B 115 14.28 -10.15 40.91
N LYS B 116 14.11 -8.85 41.13
CA LYS B 116 14.07 -8.30 42.46
C LYS B 116 13.03 -9.00 43.30
N ASN B 117 11.86 -9.31 42.73
CA ASN B 117 10.79 -9.94 43.48
C ASN B 117 11.07 -11.41 43.80
N LEU B 118 11.81 -12.10 42.95
CA LEU B 118 12.16 -13.49 43.22
C LEU B 118 13.21 -13.49 44.32
N TYR B 119 14.21 -12.61 44.20
CA TYR B 119 15.18 -12.45 45.28
C TYR B 119 14.49 -12.16 46.62
N ASP B 120 13.53 -11.25 46.65
CA ASP B 120 12.86 -10.94 47.92
C ASP B 120 12.06 -12.13 48.43
N LYS B 121 11.34 -12.79 47.54
CA LYS B 121 10.60 -14.00 47.91
C LYS B 121 11.46 -14.98 48.70
N VAL B 122 12.68 -15.23 48.22
CA VAL B 122 13.64 -16.09 48.89
C VAL B 122 14.14 -15.46 50.18
N ARG B 123 14.50 -14.18 50.13
CA ARG B 123 14.93 -13.49 51.34
C ARG B 123 13.92 -13.59 52.46
N LEU B 124 12.64 -13.36 52.16
CA LEU B 124 11.57 -13.40 53.18
C LEU B 124 11.30 -14.80 53.78
N GLN B 125 11.76 -15.85 53.11
CA GLN B 125 11.65 -17.22 53.65
C GLN B 125 12.79 -17.51 54.59
N LEU B 126 13.99 -17.24 54.12
CA LEU B 126 15.19 -17.52 54.88
C LEU B 126 15.34 -16.68 56.13
N ARG B 127 14.79 -15.46 56.13
CA ARG B 127 14.84 -14.62 57.33
C ARG B 127 16.28 -14.59 57.92
N ASP B 128 16.46 -14.99 59.17
CA ASP B 128 17.80 -14.95 59.78
C ASP B 128 18.54 -16.31 59.79
N ASN B 129 18.02 -17.31 59.08
CA ASN B 129 18.70 -18.59 58.91
C ASN B 129 19.81 -18.60 57.83
N ALA B 130 20.11 -17.45 57.20
CA ALA B 130 21.16 -17.34 56.17
C ALA B 130 21.76 -15.94 56.17
N LYS B 131 23.02 -15.80 55.76
CA LYS B 131 23.66 -14.48 55.59
C LYS B 131 23.36 -13.91 54.21
N GLU B 132 22.90 -12.66 54.15
CA GLU B 132 22.66 -12.01 52.89
C GLU B 132 23.98 -11.42 52.41
N LEU B 133 24.58 -12.04 51.40
CA LEU B 133 25.94 -11.68 51.00
C LEU B 133 26.07 -10.36 50.25
N GLY B 134 24.99 -9.89 49.62
CA GLY B 134 24.97 -8.63 48.91
C GLY B 134 25.05 -8.72 47.40
N ASN B 135 25.04 -9.96 46.87
CA ASN B 135 25.31 -10.18 45.44
C ASN B 135 24.30 -11.09 44.78
N GLY B 136 23.20 -11.35 45.46
CA GLY B 136 22.19 -12.26 44.96
C GLY B 136 22.16 -13.56 45.73
N CYS B 137 23.18 -13.77 46.56
CA CYS B 137 23.37 -15.05 47.21
C CYS B 137 23.07 -14.98 48.71
N PHE B 138 22.64 -16.12 49.23
CA PHE B 138 22.42 -16.33 50.64
C PHE B 138 23.30 -17.47 51.06
N GLU B 139 24.10 -17.26 52.08
CA GLU B 139 24.95 -18.29 52.60
C GLU B 139 24.31 -18.82 53.89
N PHE B 140 23.97 -20.10 53.89
CA PHE B 140 23.21 -20.70 54.98
C PHE B 140 24.01 -20.90 56.27
N TYR B 141 23.32 -20.86 57.41
CA TYR B 141 23.96 -21.20 58.69
C TYR B 141 24.03 -22.69 58.90
N HIS B 142 22.95 -23.39 58.55
CA HIS B 142 22.95 -24.84 58.57
C HIS B 142 23.47 -25.38 57.24
N LYS B 143 23.78 -26.67 57.19
CA LYS B 143 24.02 -27.33 55.91
C LYS B 143 22.67 -27.44 55.22
N CYS B 144 22.69 -27.32 53.90
CA CYS B 144 21.47 -27.31 53.10
C CYS B 144 21.66 -28.24 51.93
N ASP B 145 21.30 -29.52 52.12
CA ASP B 145 21.43 -30.54 51.07
C ASP B 145 20.41 -30.27 49.94
N ASN B 146 20.37 -31.14 48.93
CA ASN B 146 19.51 -30.89 47.76
C ASN B 146 18.04 -30.77 48.11
N GLU B 147 17.56 -31.61 49.03
CA GLU B 147 16.18 -31.49 49.51
C GLU B 147 15.93 -30.15 50.19
N CYS B 148 16.89 -29.70 50.98
CA CYS B 148 16.83 -28.38 51.60
C CYS B 148 16.76 -27.30 50.51
N MET B 149 17.70 -27.33 49.57
CA MET B 149 17.71 -26.36 48.48
C MET B 149 16.36 -26.35 47.77
N GLU B 150 15.81 -27.54 47.52
CA GLU B 150 14.54 -27.65 46.79
C GLU B 150 13.40 -26.99 47.54
N SER B 151 13.42 -27.00 48.87
CA SER B 151 12.36 -26.39 49.65
C SER B 151 12.39 -24.86 49.58
N VAL B 152 13.59 -24.30 49.39
CA VAL B 152 13.75 -22.87 49.16
C VAL B 152 13.08 -22.50 47.82
N ARG B 153 13.35 -23.31 46.79
CA ARG B 153 12.71 -23.10 45.49
C ARG B 153 11.23 -23.44 45.49
N ASN B 154 10.83 -24.37 46.37
CA ASN B 154 9.43 -24.74 46.59
C ASN B 154 8.57 -23.58 47.04
N GLY B 155 9.11 -22.76 47.94
CA GLY B 155 8.32 -21.84 48.77
C GLY B 155 8.07 -22.47 50.13
N THR B 156 8.70 -23.62 50.37
CA THR B 156 8.36 -24.50 51.49
C THR B 156 9.41 -24.46 52.59
N TYR B 157 10.47 -23.69 52.41
CA TYR B 157 11.60 -23.71 53.34
C TYR B 157 11.14 -23.60 54.79
N ASP B 158 11.31 -24.69 55.52
CA ASP B 158 10.81 -24.76 56.89
C ASP B 158 11.78 -24.05 57.83
N TYR B 159 11.44 -22.79 58.14
CA TYR B 159 12.31 -21.92 58.91
C TYR B 159 12.50 -22.43 60.35
N PRO B 160 11.39 -22.74 61.07
CA PRO B 160 11.56 -23.31 62.42
C PRO B 160 12.44 -24.59 62.48
N GLN B 161 12.35 -25.43 61.46
CA GLN B 161 13.17 -26.66 61.40
C GLN B 161 14.68 -26.36 61.46
N TYR B 162 15.08 -25.18 61.01
CA TYR B 162 16.45 -24.72 61.15
C TYR B 162 16.49 -23.45 61.97
C1 GAL C . 1.03 16.58 -44.00
C2 GAL C . 2.09 17.22 -43.07
C3 GAL C . 1.65 17.31 -41.60
C4 GAL C . 0.19 17.75 -41.42
C5 GAL C . -0.68 16.90 -42.33
C6 GAL C . -2.14 17.24 -42.19
O1 GAL C . 1.32 16.81 -45.39
O2 GAL C . 3.29 16.44 -43.15
O3 GAL C . 2.52 18.20 -40.88
O4 GAL C . -0.02 19.13 -41.75
O5 GAL C . -0.27 17.11 -43.70
O6 GAL C . -2.81 16.31 -43.04
C1 SIA C . -3.17 14.64 -41.31
C2 SIA C . -3.78 15.46 -42.43
C3 SIA C . -4.29 14.51 -43.53
C4 SIA C . -5.55 13.82 -43.07
C5 SIA C . -6.57 14.88 -42.72
C6 SIA C . -6.03 15.75 -41.58
C7 SIA C . -6.91 16.91 -41.11
C8 SIA C . -6.16 17.87 -40.16
C9 SIA C . -7.10 18.78 -39.38
C10 SIA C . -8.92 14.54 -42.26
C11 SIA C . -9.97 13.59 -41.76
N5 SIA C . -7.69 14.08 -42.25
O1A SIA C . -2.32 13.76 -41.58
O1B SIA C . -3.53 14.86 -40.14
O4 SIA C . -6.06 12.92 -44.07
O6 SIA C . -4.81 16.35 -41.98
O7 SIA C . -7.39 17.59 -42.26
O8 SIA C . -5.40 17.13 -39.20
O9 SIA C . -6.36 19.70 -38.55
O10 SIA C . -9.18 15.67 -42.65
C1 NAG D . 24.02 2.39 17.74
C2 NAG D . 24.84 3.67 17.58
C3 NAG D . 24.92 4.12 16.12
C4 NAG D . 25.28 2.96 15.20
C5 NAG D . 24.20 1.90 15.40
C6 NAG D . 24.17 0.79 14.34
C7 NAG D . 24.67 5.28 19.46
C8 NAG D . 23.89 6.39 20.11
N2 NAG D . 24.18 4.75 18.33
O3 NAG D . 25.85 5.17 16.00
O4 NAG D . 25.35 3.40 13.86
O5 NAG D . 24.31 1.42 16.73
O6 NAG D . 25.14 -0.19 14.63
O7 NAG D . 25.72 4.90 19.99
C1 NAG E . -34.96 2.61 -23.59
C2 NAG E . -35.92 3.66 -23.05
C3 NAG E . -36.65 3.03 -21.85
C4 NAG E . -37.39 1.76 -22.31
C5 NAG E . -36.39 0.78 -22.96
C6 NAG E . -37.06 -0.47 -23.55
C7 NAG E . -35.66 6.08 -22.41
C8 NAG E . -37.12 6.27 -22.14
N2 NAG E . -35.16 4.88 -22.81
O3 NAG E . -37.60 3.86 -21.22
O4 NAG E . -38.10 1.16 -21.24
O5 NAG E . -35.70 1.46 -23.99
O6 NAG E . -36.44 -0.89 -24.75
O7 NAG E . -34.94 7.06 -22.25
C1 NAG F . 9.10 -29.55 47.76
C2 NAG F . 7.81 -30.33 48.04
C3 NAG F . 7.81 -31.25 49.27
C4 NAG F . 9.20 -31.85 49.50
C5 NAG F . 10.20 -30.69 49.56
C6 NAG F . 11.61 -31.11 49.96
C7 NAG F . 6.22 -28.81 46.99
C8 NAG F . 5.06 -27.86 47.13
N2 NAG F . 6.70 -29.39 48.09
O3 NAG F . 6.88 -32.28 49.10
O4 NAG F . 9.20 -32.71 50.65
O5 NAG F . 10.28 -30.15 48.25
O6 NAG F . 12.22 -31.70 48.83
O7 NAG F . 6.69 -29.03 45.88
N1 EPE G . 27.63 -15.58 41.86
C2 EPE G . 28.61 -16.21 42.71
C3 EPE G . 29.49 -15.22 43.45
N4 EPE G . 29.73 -13.98 42.71
C5 EPE G . 28.71 -13.35 41.87
C6 EPE G . 27.95 -14.40 41.07
C7 EPE G . 31.03 -13.33 42.88
C8 EPE G . 31.20 -13.01 44.39
O8 EPE G . 30.52 -11.78 44.78
C9 EPE G . 26.33 -16.22 41.72
C10 EPE G . 26.55 -17.73 41.57
S EPE G . 27.22 -18.19 40.11
O1S EPE G . 28.29 -19.23 40.26
O2S EPE G . 27.79 -17.02 39.39
O3S EPE G . 26.16 -18.79 39.29
#